data_3P8N
#
_entry.id   3P8N
#
_cell.length_a   94.874
_cell.length_b   94.874
_cell.length_c   81.880
_cell.angle_alpha   90.000
_cell.angle_beta   90.000
_cell.angle_gamma   120.000
#
_symmetry.space_group_name_H-M   'P 61'
#
loop_
_entity.id
_entity.type
_entity.pdbx_description
1 polymer 'HCV serine protease NS3'
2 polymer 'HCV non-structural protein 4A'
3 non-polymer 'SODIUM ION'
4 non-polymer N-[(cyclopentyloxy)carbonyl]-3-methyl-L-valyl-(4R)-4-[(8-bromo-7-methoxy-2-{2-[(2-methylpropanoyl)amino]-1,3-thiazol-4-yl}quinolin-4-yl)oxy]-N-[(1R,2S)-1-carboxy-2-ethenylcyclopropyl]-L-prolinamide
5 water water
#
loop_
_entity_poly.entity_id
_entity_poly.type
_entity_poly.pdbx_seq_one_letter_code
_entity_poly.pdbx_strand_id
1 'polypeptide(L)'
;APITAYSQQTRGLLGCIITSLTGRDKNQVDGEVQVLSTATQSFLATCVNGVCWTVYHGAGSKTLAGPKGPITQMYTNVDQ
DLVGWPAPPGARSMTPCTCGSSDLYLVTRHADVIPVRRRGDSRGSLLSPRPVSYLKGSSGGPLLCPSGHVVGIFRAAVCT
RGVAKAVDFIPVESMETTMRASKKKK
;
A,B
2 'polypeptide(L)' KKGSVVIVGRIILSGRK C,D
#
loop_
_chem_comp.id
_chem_comp.type
_chem_comp.name
_chem_comp.formula
L4T non-polymer N-[(cyclopentyloxy)carbonyl]-3-methyl-L-valyl-(4R)-4-[(8-bromo-7-methoxy-2-{2-[(2-methylpropanoyl)amino]-1,3-thiazol-4-yl}quinolin-4-yl)oxy]-N-[(1R,2S)-1-carboxy-2-ethenylcyclopropyl]-L-prolinamide 'C40 H49 Br N6 O9 S'
NA non-polymer 'SODIUM ION' 'Na 1'
#
# COMPACT_ATOMS: atom_id res chain seq x y z
N ALA A 1 9.61 4.36 -0.94
CA ALA A 1 8.55 5.13 -0.23
C ALA A 1 8.88 6.62 -0.24
N PRO A 2 7.85 7.48 -0.14
CA PRO A 2 8.02 8.94 -0.14
C PRO A 2 8.66 9.47 1.15
N ILE A 3 8.24 8.92 2.28
CA ILE A 3 8.60 9.50 3.57
C ILE A 3 9.85 8.86 4.18
N THR A 4 10.75 9.70 4.68
CA THR A 4 11.95 9.20 5.34
C THR A 4 12.08 9.82 6.73
N ALA A 5 12.91 9.20 7.57
CA ALA A 5 13.09 9.66 8.94
C ALA A 5 14.50 9.35 9.43
N TYR A 6 14.97 10.10 10.42
CA TYR A 6 16.12 9.68 11.21
C TYR A 6 15.92 10.13 12.63
N SER A 7 16.70 9.54 13.52
CA SER A 7 16.57 9.89 14.94
C SER A 7 17.82 10.57 15.47
N GLN A 8 17.66 11.22 16.62
CA GLN A 8 18.79 11.73 17.38
C GLN A 8 18.51 11.43 18.85
N GLN A 9 19.46 10.81 19.55
CA GLN A 9 19.31 10.64 20.97
C GLN A 9 19.63 11.94 21.70
N THR A 10 19.00 12.14 22.87
CA THR A 10 19.20 13.37 23.62
C THR A 10 19.63 13.13 25.06
N ARG A 11 19.41 11.92 25.54
CA ARG A 11 19.68 11.59 26.95
C ARG A 11 20.15 10.16 27.06
N GLY A 12 20.89 9.89 28.14
CA GLY A 12 21.31 8.53 28.43
C GLY A 12 20.66 8.01 29.69
N LEU A 13 21.12 6.85 30.16
CA LEU A 13 20.51 6.16 31.30
C LEU A 13 20.44 7.01 32.57
N LEU A 14 21.55 7.63 32.95
CA LEU A 14 21.59 8.40 34.19
C LEU A 14 20.73 9.65 34.08
N GLY A 15 20.89 10.39 32.99
CA GLY A 15 20.13 11.61 32.84
C GLY A 15 18.63 11.36 32.84
N CYS A 16 18.22 10.21 32.33
CA CYS A 16 16.80 9.86 32.27
C CYS A 16 16.27 9.54 33.66
N ILE A 17 17.08 8.84 34.46
CA ILE A 17 16.65 8.49 35.81
C ILE A 17 16.45 9.77 36.60
N ILE A 18 17.42 10.67 36.52
CA ILE A 18 17.36 11.94 37.22
C ILE A 18 16.18 12.77 36.76
N THR A 19 16.02 12.90 35.45
CA THR A 19 14.99 13.79 34.92
C THR A 19 13.60 13.25 35.27
N SER A 20 13.47 11.94 35.29
CA SER A 20 12.25 11.29 35.76
C SER A 20 11.85 11.71 37.19
N LEU A 21 12.86 11.85 38.06
CA LEU A 21 12.62 12.17 39.48
C LEU A 21 12.32 13.63 39.70
N THR A 22 13.03 14.49 38.97
CA THR A 22 12.89 15.92 39.14
C THR A 22 11.74 16.47 38.31
N GLY A 23 11.42 15.78 37.22
CA GLY A 23 10.35 16.23 36.35
C GLY A 23 10.68 17.47 35.55
N ARG A 24 11.97 17.83 35.52
CA ARG A 24 12.39 19.05 34.84
C ARG A 24 13.37 18.69 33.71
N ASP A 25 12.97 19.00 32.49
CA ASP A 25 13.79 18.72 31.32
C ASP A 25 14.08 20.04 30.63
N LYS A 26 15.36 20.43 30.61
CA LYS A 26 15.75 21.69 30.02
C LYS A 26 16.28 21.56 28.59
N ASN A 27 16.39 20.32 28.12
CA ASN A 27 16.85 20.08 26.75
C ASN A 27 15.93 20.77 25.75
N GLN A 28 16.52 21.32 24.68
CA GLN A 28 15.73 21.84 23.57
C GLN A 28 14.99 20.70 22.88
N VAL A 29 13.70 20.92 22.60
CA VAL A 29 12.88 19.89 21.94
C VAL A 29 12.80 20.16 20.44
N ASP A 30 12.84 19.09 19.63
CA ASP A 30 12.71 19.22 18.17
C ASP A 30 12.10 17.95 17.60
N GLY A 31 11.69 17.98 16.33
CA GLY A 31 11.19 16.77 15.70
C GLY A 31 9.69 16.61 15.79
N GLU A 32 9.15 15.76 14.93
CA GLU A 32 7.72 15.49 14.92
C GLU A 32 7.33 14.42 15.94
N VAL A 33 8.28 13.56 16.25
CA VAL A 33 8.02 12.45 17.15
C VAL A 33 9.04 12.47 18.27
N GLN A 34 8.57 12.33 19.50
CA GLN A 34 9.45 12.26 20.66
C GLN A 34 9.61 10.82 21.10
N VAL A 35 10.82 10.45 21.45
CA VAL A 35 11.07 9.11 21.96
C VAL A 35 11.03 9.20 23.46
N LEU A 36 10.15 8.41 24.06
CA LEU A 36 9.88 8.53 25.48
C LEU A 36 10.31 7.32 26.26
N SER A 37 10.62 7.55 27.53
CA SER A 37 10.93 6.45 28.40
C SER A 37 10.39 6.64 29.81
N THR A 38 10.03 5.53 30.44
CA THR A 38 9.84 5.49 31.88
C THR A 38 10.81 4.46 32.47
N ALA A 39 10.60 4.12 33.73
CA ALA A 39 11.47 3.18 34.43
C ALA A 39 11.44 1.80 33.77
N THR A 40 10.29 1.43 33.22
CA THR A 40 10.13 0.08 32.69
C THR A 40 10.02 -0.01 31.17
N GLN A 41 9.47 1.02 30.52
CA GLN A 41 9.18 0.90 29.09
C GLN A 41 9.56 2.09 28.21
N SER A 42 9.68 1.83 26.91
CA SER A 42 9.92 2.89 25.94
C SER A 42 8.79 2.91 24.90
N PHE A 43 8.51 4.11 24.39
CA PHE A 43 7.40 4.32 23.48
C PHE A 43 7.60 5.67 22.84
N LEU A 44 6.63 6.10 22.01
CA LEU A 44 6.77 7.31 21.21
C LEU A 44 5.59 8.22 21.45
N ALA A 45 5.76 9.52 21.23
CA ALA A 45 4.64 10.46 21.18
C ALA A 45 4.65 11.20 19.84
N THR A 46 3.50 11.34 19.21
CA THR A 46 3.42 12.08 17.96
C THR A 46 2.73 13.39 18.28
N CYS A 47 3.35 14.50 17.91
CA CYS A 47 2.78 15.78 18.22
C CYS A 47 1.93 16.26 17.05
N VAL A 48 0.66 16.49 17.36
CA VAL A 48 -0.36 16.84 16.38
C VAL A 48 -1.18 18.03 16.90
N ASN A 49 -1.16 19.13 16.15
CA ASN A 49 -1.84 20.36 16.56
C ASN A 49 -1.54 20.76 17.99
N GLY A 50 -0.26 20.95 18.30
CA GLY A 50 0.11 21.45 19.61
C GLY A 50 -0.05 20.49 20.78
N VAL A 51 -0.47 19.24 20.53
CA VAL A 51 -0.53 18.21 21.59
C VAL A 51 0.35 17.00 21.21
N CYS A 52 1.17 16.53 22.15
CA CYS A 52 1.91 15.30 21.93
C CYS A 52 1.14 14.11 22.51
N TRP A 53 0.72 13.22 21.63
CA TRP A 53 -0.16 12.09 21.91
C TRP A 53 0.64 10.79 22.06
N THR A 54 0.27 9.96 23.02
CA THR A 54 0.84 8.64 23.11
C THR A 54 -0.15 7.64 23.70
N VAL A 55 0.30 6.44 24.04
CA VAL A 55 -0.58 5.42 24.60
C VAL A 55 -0.59 5.42 26.13
N TYR A 56 -1.75 5.12 26.72
CA TYR A 56 -1.89 4.98 28.17
C TYR A 56 -1.06 3.81 28.73
N HIS A 57 -1.00 2.70 27.97
CA HIS A 57 -0.26 1.53 28.45
C HIS A 57 1.23 1.84 28.54
N GLY A 58 1.64 2.93 27.91
CA GLY A 58 3.00 3.42 28.06
C GLY A 58 3.14 4.50 29.14
N ALA A 59 2.39 5.58 29.02
CA ALA A 59 2.55 6.72 29.93
C ALA A 59 1.74 6.63 31.23
N GLY A 60 0.73 5.75 31.27
CA GLY A 60 -0.21 5.78 32.37
C GLY A 60 -0.74 7.20 32.57
N SER A 61 -0.83 7.59 33.84
CA SER A 61 -1.29 8.92 34.20
C SER A 61 -0.15 9.90 34.45
N LYS A 62 1.08 9.52 34.09
CA LYS A 62 2.25 10.33 34.45
C LYS A 62 2.36 11.70 33.78
N THR A 63 3.07 12.61 34.44
CA THR A 63 3.39 13.88 33.84
C THR A 63 4.51 13.64 32.82
N LEU A 64 4.76 14.63 31.95
CA LEU A 64 5.92 14.61 31.06
C LEU A 64 6.94 15.64 31.57
N ALA A 65 8.19 15.24 31.76
CA ALA A 65 9.22 16.19 32.19
C ALA A 65 9.31 17.37 31.22
N GLY A 66 9.18 18.58 31.75
CA GLY A 66 9.20 19.77 30.91
C GLY A 66 10.19 20.82 31.40
N PRO A 67 10.40 21.87 30.59
CA PRO A 67 11.36 22.94 30.89
C PRO A 67 10.94 23.76 32.11
N LYS A 68 9.64 23.84 32.34
CA LYS A 68 9.10 24.45 33.55
C LYS A 68 8.67 23.39 34.56
N GLY A 69 9.31 22.22 34.54
CA GLY A 69 8.90 21.15 35.42
C GLY A 69 7.89 20.20 34.78
N PRO A 70 7.25 19.34 35.59
CA PRO A 70 6.36 18.33 34.97
C PRO A 70 5.12 18.91 34.33
N ILE A 71 4.78 18.40 33.15
CA ILE A 71 3.57 18.77 32.43
C ILE A 71 2.47 17.77 32.70
N THR A 72 1.29 18.26 33.11
CA THR A 72 0.14 17.41 33.39
C THR A 72 -0.55 17.05 32.09
N GLN A 73 -1.05 15.83 31.99
CA GLN A 73 -1.81 15.42 30.80
C GLN A 73 -2.98 16.35 30.58
N MET A 74 -3.23 16.66 29.32
CA MET A 74 -4.34 17.51 28.94
C MET A 74 -5.53 16.60 28.60
N TYR A 75 -5.23 15.37 28.20
CA TYR A 75 -6.25 14.42 27.77
C TYR A 75 -5.87 13.03 28.21
N THR A 76 -6.81 12.30 28.79
CA THR A 76 -6.53 10.97 29.33
C THR A 76 -7.70 10.07 29.05
N ASN A 77 -7.52 9.07 28.20
CA ASN A 77 -8.63 8.17 27.88
C ASN A 77 -8.16 6.74 27.96
N VAL A 78 -8.38 6.13 29.13
CA VAL A 78 -7.85 4.82 29.42
C VAL A 78 -8.44 3.77 28.45
N ASP A 79 -9.73 3.89 28.14
CA ASP A 79 -10.39 2.88 27.33
C ASP A 79 -9.97 2.86 25.85
N GLN A 80 -9.56 4.00 25.31
CA GLN A 80 -8.95 4.08 23.98
C GLN A 80 -7.42 3.98 24.00
N ASP A 81 -6.84 3.89 25.20
CA ASP A 81 -5.40 3.77 25.37
C ASP A 81 -4.69 5.03 24.83
N LEU A 82 -5.25 6.19 25.11
CA LEU A 82 -4.76 7.43 24.53
C LEU A 82 -4.56 8.50 25.59
N VAL A 83 -3.39 9.14 25.58
CA VAL A 83 -3.17 10.33 26.39
C VAL A 83 -2.45 11.42 25.59
N GLY A 84 -2.57 12.66 26.03
CA GLY A 84 -1.96 13.77 25.33
C GLY A 84 -1.52 14.81 26.33
N TRP A 85 -0.32 15.35 26.14
CA TRP A 85 0.18 16.47 26.94
C TRP A 85 0.28 17.68 26.01
N PRO A 86 0.08 18.90 26.53
CA PRO A 86 0.39 20.08 25.69
C PRO A 86 1.81 19.96 25.13
N ALA A 87 1.96 20.15 23.82
CA ALA A 87 3.24 19.95 23.14
C ALA A 87 4.26 21.00 23.56
N PRO A 88 5.43 20.56 24.03
CA PRO A 88 6.56 21.46 24.32
C PRO A 88 6.90 22.30 23.08
N PRO A 89 7.50 23.48 23.30
CA PRO A 89 7.56 24.54 22.28
C PRO A 89 8.25 24.12 20.97
N GLY A 90 9.46 23.59 21.06
CA GLY A 90 10.20 23.22 19.88
C GLY A 90 9.65 22.02 19.12
N ALA A 91 8.70 21.30 19.71
CA ALA A 91 8.14 20.13 19.04
C ALA A 91 7.47 20.54 17.72
N ARG A 92 7.77 19.82 16.65
CA ARG A 92 7.17 20.11 15.34
C ARG A 92 5.80 19.45 15.23
N SER A 93 4.76 20.28 15.24
CA SER A 93 3.39 19.77 15.27
C SER A 93 2.94 19.33 13.88
N MET A 94 2.43 18.10 13.79
CA MET A 94 1.97 17.56 12.52
C MET A 94 0.51 17.89 12.26
N THR A 95 0.11 17.72 11.01
CA THR A 95 -1.26 17.99 10.58
C THR A 95 -2.04 16.70 10.35
N PRO A 96 -3.25 16.61 10.92
CA PRO A 96 -4.17 15.48 10.72
C PRO A 96 -4.52 15.28 9.25
N CYS A 97 -4.48 14.03 8.78
CA CYS A 97 -4.89 13.68 7.42
C CYS A 97 -6.40 13.43 7.40
N THR A 98 -7.08 14.05 6.44
CA THR A 98 -8.53 14.06 6.42
C THR A 98 -9.08 13.44 5.14
N CYS A 99 -8.24 13.37 4.11
CA CYS A 99 -8.63 12.74 2.85
C CYS A 99 -8.54 11.22 2.99
N GLY A 100 -7.75 10.75 3.94
CA GLY A 100 -7.57 9.32 4.13
C GLY A 100 -7.08 8.61 2.88
N SER A 101 -5.79 8.28 2.83
CA SER A 101 -5.22 7.53 1.72
C SER A 101 -5.24 6.03 2.03
N SER A 102 -4.98 5.21 1.01
CA SER A 102 -4.99 3.76 1.15
C SER A 102 -3.64 3.28 1.67
N ASP A 103 -2.56 3.83 1.12
CA ASP A 103 -1.22 3.47 1.56
C ASP A 103 -0.74 4.36 2.71
N LEU A 104 -0.29 3.70 3.76
CA LEU A 104 0.14 4.39 4.97
C LEU A 104 1.58 4.04 5.29
N TYR A 105 2.19 4.86 6.12
CA TYR A 105 3.58 4.64 6.52
C TYR A 105 3.70 4.73 8.03
N LEU A 106 4.16 3.65 8.64
CA LEU A 106 4.40 3.63 10.09
C LEU A 106 5.86 4.02 10.37
N VAL A 107 6.06 5.06 11.19
CA VAL A 107 7.40 5.45 11.63
C VAL A 107 7.68 4.77 12.99
N THR A 108 8.77 3.99 13.05
CA THR A 108 9.15 3.26 14.26
C THR A 108 10.16 4.04 15.10
N ARG A 109 10.47 3.56 16.30
CA ARG A 109 11.40 4.27 17.17
C ARG A 109 12.81 4.29 16.57
N HIS A 110 13.08 3.36 15.65
CA HIS A 110 14.36 3.25 14.97
C HIS A 110 14.44 4.25 13.82
N ALA A 111 13.34 4.96 13.59
CA ALA A 111 13.24 5.87 12.44
C ALA A 111 13.24 5.10 11.14
N ASP A 112 12.74 3.88 11.16
CA ASP A 112 12.42 3.21 9.92
C ASP A 112 11.00 3.56 9.55
N VAL A 113 10.73 3.56 8.24
CA VAL A 113 9.41 3.86 7.73
C VAL A 113 8.85 2.61 7.06
N ILE A 114 7.76 2.08 7.60
CA ILE A 114 7.24 0.77 7.21
C ILE A 114 5.94 0.95 6.45
N PRO A 115 5.89 0.46 5.20
CA PRO A 115 4.66 0.58 4.41
C PRO A 115 3.51 -0.24 5.00
N VAL A 116 2.34 0.38 5.09
CA VAL A 116 1.16 -0.27 5.65
C VAL A 116 -0.04 -0.09 4.72
N ARG A 117 -0.87 -1.12 4.61
CA ARG A 117 -2.11 -1.01 3.83
C ARG A 117 -3.32 -0.82 4.76
N ARG A 118 -3.99 0.31 4.69
CA ARG A 118 -5.17 0.49 5.54
C ARG A 118 -6.24 -0.56 5.24
N ARG A 119 -6.83 -1.12 6.30
CA ARG A 119 -7.82 -2.20 6.19
C ARG A 119 -9.13 -1.81 6.85
N GLY A 120 -9.18 -0.61 7.42
CA GLY A 120 -10.38 -0.13 8.06
C GLY A 120 -10.06 1.05 8.95
N ASP A 121 -10.99 1.42 9.85
CA ASP A 121 -10.84 2.66 10.59
C ASP A 121 -9.55 2.68 11.40
N SER A 122 -9.24 1.56 12.03
CA SER A 122 -8.15 1.53 13.00
C SER A 122 -7.19 0.36 12.78
N ARG A 123 -7.16 -0.20 11.56
CA ARG A 123 -6.34 -1.37 11.25
C ARG A 123 -5.58 -1.18 9.94
N GLY A 124 -4.40 -1.78 9.89
CA GLY A 124 -3.50 -1.59 8.75
C GLY A 124 -2.65 -2.85 8.61
N SER A 125 -2.59 -3.39 7.39
CA SER A 125 -1.79 -4.57 7.10
C SER A 125 -0.33 -4.17 6.81
N LEU A 126 0.63 -4.87 7.38
CA LEU A 126 2.02 -4.74 6.94
C LEU A 126 2.16 -5.40 5.56
N LEU A 127 2.68 -4.66 4.59
CA LEU A 127 2.88 -5.22 3.24
C LEU A 127 3.90 -6.35 3.27
N SER A 128 4.93 -6.21 4.10
CA SER A 128 5.74 -7.37 4.49
C SER A 128 5.81 -7.48 6.02
N PRO A 129 5.58 -8.69 6.56
CA PRO A 129 5.58 -8.89 8.02
C PRO A 129 6.94 -8.61 8.64
N ARG A 130 6.94 -8.27 9.92
CA ARG A 130 8.18 -7.95 10.63
C ARG A 130 8.09 -8.69 11.97
N PRO A 131 9.24 -9.02 12.58
CA PRO A 131 9.22 -9.49 13.97
C PRO A 131 8.50 -8.51 14.92
N VAL A 132 7.69 -9.04 15.84
CA VAL A 132 7.10 -8.23 16.92
C VAL A 132 8.16 -7.40 17.66
N SER A 133 9.30 -8.02 17.96
CA SER A 133 10.36 -7.37 18.70
C SER A 133 10.80 -6.10 17.99
N TYR A 134 10.70 -6.09 16.66
CA TYR A 134 11.08 -4.92 15.89
C TYR A 134 10.12 -3.73 16.09
N LEU A 135 8.85 -4.01 16.36
CA LEU A 135 7.86 -2.95 16.56
C LEU A 135 7.71 -2.54 18.03
N LYS A 136 8.23 -3.37 18.94
CA LYS A 136 8.04 -3.14 20.37
C LYS A 136 8.79 -1.84 20.72
N GLY A 137 8.16 -0.96 21.49
CA GLY A 137 8.79 0.32 21.79
C GLY A 137 8.37 1.45 20.84
N SER A 138 7.56 1.11 19.83
CA SER A 138 7.09 2.11 18.87
C SER A 138 5.62 2.52 19.03
N SER A 139 4.91 2.01 20.03
CA SER A 139 3.56 2.48 20.33
C SER A 139 3.59 3.98 20.48
N GLY A 140 2.58 4.65 19.93
CA GLY A 140 2.52 6.10 19.95
C GLY A 140 3.12 6.67 18.68
N GLY A 141 3.75 5.79 17.89
CA GLY A 141 4.38 6.24 16.66
C GLY A 141 3.29 6.56 15.64
N PRO A 142 3.55 7.48 14.71
CA PRO A 142 2.59 7.94 13.72
C PRO A 142 2.42 6.96 12.56
N LEU A 143 1.18 6.85 12.08
CA LEU A 143 0.91 6.35 10.73
C LEU A 143 0.57 7.56 9.87
N LEU A 144 1.32 7.75 8.81
CA LEU A 144 1.19 8.91 7.93
C LEU A 144 0.66 8.50 6.55
N CYS A 145 -0.07 9.40 5.90
CA CYS A 145 -0.36 9.20 4.47
C CYS A 145 0.85 9.72 3.69
N PRO A 146 0.93 9.44 2.37
CA PRO A 146 2.13 9.84 1.63
C PRO A 146 2.46 11.34 1.74
N SER A 147 1.44 12.14 1.94
CA SER A 147 1.60 13.58 2.04
C SER A 147 2.33 14.00 3.34
N GLY A 148 2.45 13.08 4.28
CA GLY A 148 3.12 13.38 5.54
C GLY A 148 2.17 13.80 6.65
N HIS A 149 0.87 13.71 6.38
CA HIS A 149 -0.11 14.02 7.41
C HIS A 149 -0.42 12.78 8.23
N VAL A 150 -0.87 13.01 9.46
CA VAL A 150 -1.06 11.93 10.42
C VAL A 150 -2.46 11.36 10.35
N VAL A 151 -2.57 10.06 10.22
CA VAL A 151 -3.87 9.41 10.19
C VAL A 151 -4.17 8.73 11.52
N GLY A 152 -3.14 8.37 12.29
CA GLY A 152 -3.37 7.72 13.57
C GLY A 152 -2.08 7.46 14.32
N ILE A 153 -2.12 6.90 15.52
CA ILE A 153 -0.87 6.48 16.14
C ILE A 153 -0.90 5.02 16.52
N PHE A 154 0.26 4.38 16.45
CA PHE A 154 0.41 2.92 16.64
C PHE A 154 -0.02 2.49 18.04
N ARG A 155 -0.97 1.55 18.14
CA ARG A 155 -1.42 1.09 19.47
C ARG A 155 -1.05 -0.36 19.81
N ALA A 156 -1.23 -1.29 18.88
CA ALA A 156 -1.04 -2.71 19.16
C ALA A 156 -0.66 -3.45 17.88
N ALA A 157 0.07 -4.54 18.02
CA ALA A 157 0.47 -5.33 16.86
C ALA A 157 -0.37 -6.58 16.78
N VAL A 158 -0.81 -6.90 15.57
CA VAL A 158 -1.48 -8.17 15.30
C VAL A 158 -0.39 -9.18 14.91
N CYS A 159 -0.22 -10.23 15.70
CA CYS A 159 0.92 -11.09 15.50
C CYS A 159 0.62 -12.54 15.86
N THR A 160 1.47 -13.44 15.36
CA THR A 160 1.36 -14.87 15.66
C THR A 160 2.78 -15.40 15.74
N ARG A 161 3.11 -16.06 16.85
CA ARG A 161 4.43 -16.64 17.06
C ARG A 161 5.56 -15.65 16.80
N GLY A 162 5.37 -14.43 17.30
CA GLY A 162 6.43 -13.44 17.27
C GLY A 162 6.53 -12.69 15.96
N VAL A 163 5.61 -12.93 15.05
CA VAL A 163 5.59 -12.24 13.77
C VAL A 163 4.35 -11.36 13.66
N ALA A 164 4.53 -10.07 13.34
CA ALA A 164 3.42 -9.14 13.17
C ALA A 164 3.06 -9.00 11.70
N LYS A 165 1.78 -9.13 11.37
CA LYS A 165 1.33 -8.99 9.98
C LYS A 165 0.48 -7.75 9.81
N ALA A 166 0.09 -7.11 10.91
CA ALA A 166 -0.76 -5.95 10.83
C ALA A 166 -0.66 -5.15 12.13
N VAL A 167 -1.15 -3.92 12.10
CA VAL A 167 -1.12 -3.03 13.26
C VAL A 167 -2.51 -2.44 13.54
N ASP A 168 -2.81 -2.29 14.81
CA ASP A 168 -3.99 -1.58 15.26
C ASP A 168 -3.54 -0.19 15.70
N PHE A 169 -4.27 0.85 15.27
CA PHE A 169 -3.90 2.22 15.62
C PHE A 169 -5.10 3.02 16.11
N ILE A 170 -4.80 4.06 16.88
CA ILE A 170 -5.78 5.08 17.25
C ILE A 170 -5.92 6.16 16.16
N PRO A 171 -7.10 6.25 15.52
CA PRO A 171 -7.29 7.23 14.45
C PRO A 171 -7.35 8.67 14.96
N VAL A 172 -6.86 9.62 14.17
CA VAL A 172 -6.90 11.01 14.61
C VAL A 172 -8.33 11.40 15.00
N GLU A 173 -9.32 10.81 14.35
CA GLU A 173 -10.71 11.00 14.77
C GLU A 173 -10.94 10.76 16.27
N SER A 174 -10.34 9.69 16.81
CA SER A 174 -10.36 9.42 18.25
C SER A 174 -9.81 10.59 19.08
N MET A 175 -8.81 11.29 18.53
CA MET A 175 -8.20 12.39 19.26
C MET A 175 -9.17 13.55 19.33
N GLU A 176 -10.00 13.66 18.29
CA GLU A 176 -11.05 14.68 18.23
C GLU A 176 -12.03 14.42 19.37
N THR A 177 -12.51 13.18 19.42
CA THR A 177 -13.54 12.77 20.37
C THR A 177 -13.12 13.06 21.80
N THR A 178 -11.87 12.70 22.13
CA THR A 178 -11.34 12.89 23.48
C THR A 178 -11.26 14.38 23.83
N MET A 179 -10.76 15.19 22.91
CA MET A 179 -10.65 16.62 23.16
C MET A 179 -12.02 17.25 23.41
N ARG A 180 -12.99 16.93 22.54
CA ARG A 180 -14.35 17.44 22.67
C ARG A 180 -14.99 17.01 24.00
N ALA A 181 -14.89 15.72 24.31
CA ALA A 181 -15.48 15.17 25.53
C ALA A 181 -14.93 15.86 26.79
N SER A 182 -13.67 16.27 26.73
CA SER A 182 -13.06 17.03 27.83
C SER A 182 -13.47 18.51 27.76
N ALA B 1 5.84 2.82 -1.22
CA ALA B 1 5.11 2.14 -2.34
C ALA B 1 5.94 1.00 -2.93
N PRO B 2 5.43 -0.24 -2.83
CA PRO B 2 6.13 -1.44 -3.31
C PRO B 2 6.16 -1.50 -4.85
N ILE B 3 4.99 -1.57 -5.46
CA ILE B 3 4.94 -1.81 -6.88
C ILE B 3 4.60 -0.56 -7.66
N THR B 4 5.48 -0.22 -8.61
CA THR B 4 5.26 0.92 -9.50
C THR B 4 5.36 0.44 -10.94
N ALA B 5 4.94 1.28 -11.89
CA ALA B 5 4.94 0.83 -13.29
C ALA B 5 5.03 2.07 -14.19
N TYR B 6 5.55 1.88 -15.40
CA TYR B 6 5.39 2.89 -16.44
C TYR B 6 5.13 2.17 -17.74
N SER B 7 4.64 2.91 -18.72
CA SER B 7 4.38 2.34 -20.03
C SER B 7 5.31 2.95 -21.08
N GLN B 8 5.44 2.24 -22.22
CA GLN B 8 6.11 2.76 -23.40
C GLN B 8 5.23 2.39 -24.58
N GLN B 9 4.83 3.38 -25.38
CA GLN B 9 4.20 3.09 -26.67
C GLN B 9 5.19 2.54 -27.69
N THR B 10 4.71 1.69 -28.58
CA THR B 10 5.60 1.05 -29.55
C THR B 10 5.11 1.18 -30.99
N ARG B 11 3.83 1.51 -31.14
CA ARG B 11 3.22 1.61 -32.47
C ARG B 11 2.29 2.78 -32.53
N GLY B 12 2.13 3.32 -33.73
CA GLY B 12 1.09 4.31 -33.96
C GLY B 12 -0.08 3.69 -34.70
N LEU B 13 -1.06 4.51 -35.04
CA LEU B 13 -2.29 4.02 -35.68
C LEU B 13 -2.02 3.28 -36.99
N LEU B 14 -1.27 3.90 -37.89
CA LEU B 14 -1.09 3.32 -39.22
C LEU B 14 -0.43 1.95 -39.10
N GLY B 15 0.66 1.89 -38.33
CA GLY B 15 1.33 0.63 -38.12
C GLY B 15 0.44 -0.43 -37.48
N CYS B 16 -0.52 0.00 -36.67
CA CYS B 16 -1.44 -0.95 -36.02
C CYS B 16 -2.37 -1.59 -37.07
N ILE B 17 -2.95 -0.75 -37.92
CA ILE B 17 -3.81 -1.20 -39.02
C ILE B 17 -3.05 -2.19 -39.88
N ILE B 18 -1.84 -1.81 -40.27
CA ILE B 18 -1.06 -2.64 -41.16
C ILE B 18 -0.71 -3.96 -40.48
N THR B 19 -0.24 -3.88 -39.24
CA THR B 19 0.24 -5.07 -38.55
C THR B 19 -0.92 -6.04 -38.29
N SER B 20 -2.10 -5.50 -38.08
CA SER B 20 -3.30 -6.32 -37.91
C SER B 20 -3.59 -7.15 -39.18
N LEU B 21 -3.39 -6.51 -40.33
CA LEU B 21 -3.65 -7.13 -41.64
C LEU B 21 -2.63 -8.18 -42.05
N THR B 22 -1.36 -7.89 -41.80
CA THR B 22 -0.30 -8.81 -42.15
C THR B 22 -0.13 -9.88 -41.09
N GLY B 23 -0.46 -9.55 -39.84
CA GLY B 23 -0.24 -10.47 -38.74
C GLY B 23 1.23 -10.61 -38.40
N ARG B 24 2.05 -9.73 -38.99
CA ARG B 24 3.50 -9.83 -38.79
C ARG B 24 4.01 -8.66 -37.96
N ASP B 25 4.53 -8.97 -36.77
CA ASP B 25 5.05 -7.94 -35.88
C ASP B 25 6.50 -8.23 -35.56
N LYS B 26 7.40 -7.41 -36.09
CA LYS B 26 8.83 -7.63 -35.85
C LYS B 26 9.39 -6.82 -34.67
N ASN B 27 8.56 -5.94 -34.11
CA ASN B 27 8.98 -5.16 -32.95
C ASN B 27 9.46 -6.07 -31.83
N GLN B 28 10.51 -5.65 -31.14
CA GLN B 28 11.00 -6.35 -29.97
C GLN B 28 9.97 -6.23 -28.85
N VAL B 29 9.71 -7.33 -28.16
CA VAL B 29 8.75 -7.34 -27.04
C VAL B 29 9.50 -7.20 -25.72
N ASP B 30 8.95 -6.42 -24.80
CA ASP B 30 9.48 -6.35 -23.44
C ASP B 30 8.32 -6.11 -22.49
N GLY B 31 8.61 -6.18 -21.19
CA GLY B 31 7.60 -5.88 -20.19
C GLY B 31 6.78 -7.08 -19.78
N GLU B 32 6.09 -6.94 -18.65
CA GLU B 32 5.23 -7.97 -18.07
C GLU B 32 3.82 -7.91 -18.66
N VAL B 33 3.45 -6.72 -19.08
CA VAL B 33 2.09 -6.48 -19.54
C VAL B 33 2.16 -5.87 -20.94
N GLN B 34 1.50 -6.52 -21.90
CA GLN B 34 1.40 -5.97 -23.24
C GLN B 34 0.11 -5.20 -23.39
N VAL B 35 0.20 -4.05 -24.06
CA VAL B 35 -0.97 -3.25 -24.35
C VAL B 35 -1.44 -3.63 -25.74
N LEU B 36 -2.70 -3.99 -25.87
CA LEU B 36 -3.17 -4.66 -27.08
C LEU B 36 -4.27 -3.85 -27.71
N SER B 37 -4.40 -3.97 -29.03
CA SER B 37 -5.46 -3.26 -29.71
C SER B 37 -6.03 -4.11 -30.84
N THR B 38 -7.34 -4.01 -31.03
CA THR B 38 -7.97 -4.46 -32.26
C THR B 38 -8.50 -3.23 -32.97
N ALA B 39 -9.26 -3.44 -34.04
CA ALA B 39 -9.91 -2.37 -34.77
C ALA B 39 -10.89 -1.64 -33.86
N THR B 40 -11.39 -2.36 -32.87
CA THR B 40 -12.56 -1.96 -32.11
C THR B 40 -12.24 -1.54 -30.65
N GLN B 41 -11.25 -2.16 -30.04
CA GLN B 41 -10.99 -1.87 -28.64
C GLN B 41 -9.53 -2.08 -28.24
N SER B 42 -9.17 -1.57 -27.07
CA SER B 42 -7.85 -1.77 -26.49
C SER B 42 -8.02 -2.52 -25.16
N PHE B 43 -7.01 -3.30 -24.83
CA PHE B 43 -7.04 -4.10 -23.61
C PHE B 43 -5.60 -4.51 -23.33
N LEU B 44 -5.41 -5.40 -22.36
CA LEU B 44 -4.09 -5.74 -21.88
C LEU B 44 -3.91 -7.26 -21.87
N ALA B 45 -2.66 -7.70 -21.97
CA ALA B 45 -2.30 -9.09 -21.70
C ALA B 45 -1.22 -9.17 -20.62
N THR B 46 -1.41 -10.09 -19.70
CA THR B 46 -0.41 -10.35 -18.68
C THR B 46 0.27 -11.67 -19.00
N CYS B 47 1.59 -11.65 -19.08
CA CYS B 47 2.28 -12.86 -19.42
C CYS B 47 2.66 -13.56 -18.11
N VAL B 48 2.17 -14.79 -17.96
CA VAL B 48 2.36 -15.56 -16.74
C VAL B 48 2.87 -16.94 -17.16
N ASN B 49 4.07 -17.30 -16.71
CA ASN B 49 4.70 -18.57 -17.07
C ASN B 49 4.56 -18.94 -18.53
N GLY B 50 5.18 -18.15 -19.41
CA GLY B 50 5.24 -18.49 -20.81
C GLY B 50 4.01 -18.24 -21.66
N VAL B 51 2.91 -17.80 -21.05
CA VAL B 51 1.67 -17.51 -21.79
C VAL B 51 1.17 -16.11 -21.51
N CYS B 52 0.77 -15.39 -22.56
CA CYS B 52 0.17 -14.09 -22.35
C CYS B 52 -1.35 -14.24 -22.41
N TRP B 53 -1.98 -13.92 -21.29
CA TRP B 53 -3.40 -14.12 -21.06
C TRP B 53 -4.14 -12.79 -21.19
N THR B 54 -5.33 -12.85 -21.78
CA THR B 54 -6.19 -11.68 -21.85
C THR B 54 -7.65 -12.16 -21.86
N VAL B 55 -8.57 -11.22 -22.08
CA VAL B 55 -10.00 -11.53 -22.10
C VAL B 55 -10.55 -11.84 -23.49
N TYR B 56 -11.47 -12.80 -23.56
CA TYR B 56 -12.14 -13.15 -24.82
C TYR B 56 -12.95 -11.97 -25.35
N HIS B 57 -13.53 -11.17 -24.47
CA HIS B 57 -14.36 -10.07 -24.97
C HIS B 57 -13.54 -9.03 -25.66
N GLY B 58 -12.23 -9.08 -25.42
CA GLY B 58 -11.30 -8.23 -26.12
C GLY B 58 -10.75 -8.91 -27.38
N ALA B 59 -10.12 -10.07 -27.22
CA ALA B 59 -9.41 -10.71 -28.30
C ALA B 59 -10.27 -11.59 -29.20
N GLY B 60 -11.42 -12.01 -28.72
CA GLY B 60 -12.19 -12.99 -29.47
C GLY B 60 -11.31 -14.19 -29.74
N SER B 61 -11.51 -14.81 -30.89
CA SER B 61 -10.69 -15.96 -31.24
C SER B 61 -9.49 -15.55 -32.11
N LYS B 62 -9.14 -14.25 -32.10
CA LYS B 62 -8.13 -13.73 -33.02
C LYS B 62 -6.71 -14.21 -32.74
N THR B 63 -5.89 -14.20 -33.79
CA THR B 63 -4.46 -14.44 -33.66
C THR B 63 -3.82 -13.18 -33.04
N LEU B 64 -2.61 -13.35 -32.53
CA LEU B 64 -1.80 -12.21 -32.07
C LEU B 64 -0.64 -12.00 -33.07
N ALA B 65 -0.47 -10.78 -33.59
CA ALA B 65 0.64 -10.51 -34.52
C ALA B 65 1.99 -10.80 -33.87
N GLY B 66 2.84 -11.51 -34.62
CA GLY B 66 4.09 -11.99 -34.06
C GLY B 66 5.21 -11.92 -35.09
N PRO B 67 6.45 -12.14 -34.66
CA PRO B 67 7.65 -11.98 -35.49
C PRO B 67 7.73 -13.02 -36.59
N LYS B 68 7.12 -14.17 -36.37
CA LYS B 68 7.01 -15.19 -37.42
C LYS B 68 5.61 -15.20 -38.05
N GLY B 69 4.85 -14.13 -37.85
CA GLY B 69 3.47 -14.10 -38.30
C GLY B 69 2.46 -14.37 -37.19
N PRO B 70 1.17 -14.52 -37.53
CA PRO B 70 0.08 -14.70 -36.57
C PRO B 70 0.29 -15.84 -35.59
N ILE B 71 0.12 -15.58 -34.31
CA ILE B 71 0.19 -16.63 -33.29
C ILE B 71 -1.22 -17.11 -32.96
N THR B 72 -1.46 -18.42 -33.08
CA THR B 72 -2.77 -18.99 -32.81
C THR B 72 -2.94 -19.09 -31.29
N GLN B 73 -4.14 -18.86 -30.77
CA GLN B 73 -4.36 -18.97 -29.32
C GLN B 73 -4.04 -20.38 -28.90
N MET B 74 -3.45 -20.51 -27.73
CA MET B 74 -3.13 -21.83 -27.17
C MET B 74 -4.24 -22.25 -26.23
N TYR B 75 -4.94 -21.27 -25.65
CA TYR B 75 -6.06 -21.57 -24.76
C TYR B 75 -7.18 -20.62 -25.10
N THR B 76 -8.41 -21.14 -25.11
CA THR B 76 -9.58 -20.36 -25.47
C THR B 76 -10.75 -20.83 -24.63
N ASN B 77 -11.20 -20.00 -23.67
CA ASN B 77 -12.26 -20.38 -22.74
C ASN B 77 -13.29 -19.28 -22.69
N VAL B 78 -14.28 -19.41 -23.56
CA VAL B 78 -15.28 -18.37 -23.78
C VAL B 78 -16.12 -18.15 -22.51
N ASP B 79 -16.47 -19.23 -21.81
CA ASP B 79 -17.33 -19.11 -20.64
C ASP B 79 -16.67 -18.37 -19.49
N GLN B 80 -15.35 -18.45 -19.40
CA GLN B 80 -14.61 -17.71 -18.36
C GLN B 80 -14.04 -16.38 -18.86
N ASP B 81 -14.28 -16.09 -20.14
CA ASP B 81 -13.79 -14.86 -20.77
C ASP B 81 -12.26 -14.84 -20.79
N LEU B 82 -11.63 -15.97 -21.04
CA LEU B 82 -10.18 -16.07 -20.99
C LEU B 82 -9.54 -16.67 -22.25
N VAL B 83 -8.48 -16.03 -22.75
CA VAL B 83 -7.70 -16.59 -23.84
C VAL B 83 -6.20 -16.42 -23.53
N GLY B 84 -5.38 -17.30 -24.10
CA GLY B 84 -3.94 -17.21 -23.92
C GLY B 84 -3.17 -17.56 -25.20
N TRP B 85 -2.16 -16.75 -25.55
CA TRP B 85 -1.21 -17.10 -26.63
C TRP B 85 0.14 -17.49 -26.02
N PRO B 86 0.86 -18.43 -26.67
CA PRO B 86 2.25 -18.58 -26.20
C PRO B 86 2.98 -17.24 -26.22
N ALA B 87 3.62 -16.89 -25.10
CA ALA B 87 4.25 -15.58 -24.94
C ALA B 87 5.37 -15.40 -25.96
N PRO B 88 5.31 -14.33 -26.77
CA PRO B 88 6.33 -14.05 -27.78
C PRO B 88 7.68 -13.74 -27.16
N PRO B 89 8.77 -13.98 -27.91
CA PRO B 89 10.14 -13.77 -27.40
C PRO B 89 10.35 -12.36 -26.87
N GLY B 90 10.73 -12.26 -25.59
CA GLY B 90 11.10 -10.98 -25.01
C GLY B 90 10.14 -10.52 -23.93
N ALA B 91 8.94 -11.10 -23.92
CA ALA B 91 7.95 -10.79 -22.90
C ALA B 91 8.47 -11.26 -21.53
N ARG B 92 8.40 -10.37 -20.54
CA ARG B 92 8.82 -10.73 -19.18
C ARG B 92 7.71 -11.53 -18.48
N SER B 93 8.03 -12.75 -18.06
CA SER B 93 7.01 -13.63 -17.48
C SER B 93 6.85 -13.41 -15.98
N MET B 94 5.60 -13.35 -15.52
CA MET B 94 5.34 -13.16 -14.10
C MET B 94 5.10 -14.49 -13.42
N THR B 95 5.21 -14.48 -12.09
CA THR B 95 4.98 -15.66 -11.27
C THR B 95 3.62 -15.60 -10.58
N PRO B 96 2.82 -16.67 -10.71
CA PRO B 96 1.51 -16.75 -10.05
C PRO B 96 1.63 -16.87 -8.53
N CYS B 97 0.69 -16.25 -7.83
CA CYS B 97 0.61 -16.32 -6.38
C CYS B 97 -0.36 -17.42 -5.98
N THR B 98 0.05 -18.22 -4.99
CA THR B 98 -0.78 -19.31 -4.47
C THR B 98 -0.67 -19.43 -2.94
N CYS B 99 -0.52 -18.29 -2.27
CA CYS B 99 -0.48 -18.28 -0.81
C CYS B 99 -1.84 -17.90 -0.23
N GLY B 100 -2.25 -16.66 -0.47
CA GLY B 100 -3.47 -16.15 0.11
C GLY B 100 -3.34 -14.72 0.63
N SER B 101 -2.56 -13.90 -0.08
CA SER B 101 -2.51 -12.48 0.25
C SER B 101 -3.79 -11.77 -0.23
N SER B 102 -4.31 -10.89 0.61
CA SER B 102 -5.55 -10.19 0.27
C SER B 102 -5.31 -8.71 -0.04
N ASP B 103 -4.08 -8.24 0.11
CA ASP B 103 -3.75 -6.87 -0.25
C ASP B 103 -3.20 -6.83 -1.66
N LEU B 104 -4.02 -6.34 -2.57
CA LEU B 104 -3.76 -6.50 -4.00
C LEU B 104 -3.47 -5.14 -4.66
N TYR B 105 -2.93 -5.18 -5.88
CA TYR B 105 -2.71 -3.99 -6.69
C TYR B 105 -3.19 -4.32 -8.11
N LEU B 106 -3.99 -3.45 -8.71
CA LEU B 106 -4.37 -3.61 -10.11
C LEU B 106 -3.49 -2.67 -10.93
N VAL B 107 -2.82 -3.20 -11.94
CA VAL B 107 -2.08 -2.36 -12.88
C VAL B 107 -2.97 -2.02 -14.08
N THR B 108 -3.16 -0.74 -14.35
CA THR B 108 -4.08 -0.31 -15.40
C THR B 108 -3.29 0.00 -16.68
N ARG B 109 -3.99 0.25 -17.80
CA ARG B 109 -3.28 0.50 -19.07
C ARG B 109 -2.53 1.83 -19.01
N HIS B 110 -2.87 2.65 -18.03
CA HIS B 110 -2.21 3.93 -17.82
C HIS B 110 -0.93 3.71 -17.02
N ALA B 111 -0.62 2.46 -16.70
CA ALA B 111 0.49 2.14 -15.78
C ALA B 111 0.30 2.83 -14.41
N ASP B 112 -0.95 3.01 -14.01
CA ASP B 112 -1.22 3.27 -12.61
C ASP B 112 -1.35 1.96 -11.85
N VAL B 113 -1.06 2.00 -10.56
CA VAL B 113 -1.09 0.81 -9.71
C VAL B 113 -2.06 1.09 -8.57
N ILE B 114 -3.25 0.50 -8.65
CA ILE B 114 -4.41 0.89 -7.83
C ILE B 114 -4.54 -0.15 -6.73
N PRO B 115 -4.69 0.30 -5.46
CA PRO B 115 -4.85 -0.65 -4.33
C PRO B 115 -6.22 -1.32 -4.37
N VAL B 116 -6.21 -2.65 -4.22
CA VAL B 116 -7.43 -3.46 -4.23
C VAL B 116 -7.47 -4.41 -3.05
N ARG B 117 -8.62 -4.50 -2.38
CA ARG B 117 -8.75 -5.48 -1.29
C ARG B 117 -9.51 -6.71 -1.77
N ARG B 118 -8.87 -7.86 -1.73
CA ARG B 118 -9.56 -9.09 -2.14
C ARG B 118 -10.71 -9.40 -1.20
N ARG B 119 -11.87 -9.71 -1.78
CA ARG B 119 -13.09 -9.98 -1.02
C ARG B 119 -13.62 -11.39 -1.35
N GLY B 120 -13.02 -12.02 -2.35
CA GLY B 120 -13.37 -13.39 -2.65
C GLY B 120 -12.41 -13.97 -3.68
N ASP B 121 -12.72 -15.17 -4.15
CA ASP B 121 -11.91 -15.83 -5.17
C ASP B 121 -11.68 -14.95 -6.41
N SER B 122 -12.71 -14.23 -6.84
CA SER B 122 -12.58 -13.46 -8.09
C SER B 122 -13.11 -12.03 -7.97
N ARG B 123 -13.19 -11.53 -6.74
CA ARG B 123 -13.68 -10.16 -6.45
C ARG B 123 -12.75 -9.40 -5.51
N GLY B 124 -12.64 -8.09 -5.73
CA GLY B 124 -11.79 -7.24 -4.92
C GLY B 124 -12.40 -5.86 -4.95
N SER B 125 -12.41 -5.16 -3.82
CA SER B 125 -13.00 -3.81 -3.76
C SER B 125 -11.91 -2.76 -4.00
N LEU B 126 -12.24 -1.68 -4.69
CA LEU B 126 -11.29 -0.59 -4.87
C LEU B 126 -11.27 0.22 -3.58
N LEU B 127 -10.09 0.44 -3.01
CA LEU B 127 -10.01 1.25 -1.79
C LEU B 127 -10.46 2.70 -2.02
N SER B 128 -10.20 3.20 -3.23
CA SER B 128 -10.79 4.44 -3.76
C SER B 128 -11.54 4.12 -5.04
N PRO B 129 -12.86 4.38 -5.09
CA PRO B 129 -13.63 4.18 -6.32
C PRO B 129 -13.07 5.02 -7.47
N ARG B 130 -13.21 4.53 -8.68
CA ARG B 130 -12.76 5.29 -9.84
C ARG B 130 -13.89 5.33 -10.85
N PRO B 131 -13.86 6.31 -11.76
CA PRO B 131 -14.81 6.27 -12.88
C PRO B 131 -14.59 4.99 -13.68
N VAL B 132 -15.68 4.35 -14.10
CA VAL B 132 -15.62 3.25 -15.05
C VAL B 132 -14.74 3.59 -16.27
N SER B 133 -14.85 4.82 -16.78
CA SER B 133 -14.14 5.20 -17.98
C SER B 133 -12.64 5.13 -17.76
N TYR B 134 -12.21 5.33 -16.52
CA TYR B 134 -10.79 5.27 -16.20
C TYR B 134 -10.22 3.84 -16.31
N LEU B 135 -11.07 2.87 -15.98
CA LEU B 135 -10.72 1.45 -15.98
C LEU B 135 -10.89 0.80 -17.37
N LYS B 136 -11.66 1.44 -18.25
CA LYS B 136 -12.00 0.89 -19.56
C LYS B 136 -10.74 0.76 -20.37
N GLY B 137 -10.52 -0.40 -21.01
CA GLY B 137 -9.26 -0.61 -21.71
C GLY B 137 -8.20 -1.35 -20.88
N SER B 138 -8.51 -1.62 -19.61
CA SER B 138 -7.54 -2.32 -18.76
C SER B 138 -7.90 -3.78 -18.50
N SER B 139 -8.97 -4.31 -19.09
CA SER B 139 -9.25 -5.75 -18.96
C SER B 139 -8.00 -6.50 -19.42
N GLY B 140 -7.69 -7.59 -18.72
CA GLY B 140 -6.48 -8.37 -18.99
C GLY B 140 -5.32 -7.92 -18.13
N GLY B 141 -5.50 -6.80 -17.44
CA GLY B 141 -4.40 -6.28 -16.65
C GLY B 141 -4.25 -7.11 -15.36
N PRO B 142 -3.04 -7.20 -14.80
CA PRO B 142 -2.77 -8.09 -13.65
C PRO B 142 -3.27 -7.51 -12.32
N LEU B 143 -3.79 -8.39 -11.47
CA LEU B 143 -3.86 -8.14 -10.03
C LEU B 143 -2.68 -8.82 -9.36
N LEU B 144 -1.95 -8.04 -8.58
CA LEU B 144 -0.69 -8.47 -7.98
C LEU B 144 -0.82 -8.41 -6.46
N CYS B 145 -0.15 -9.34 -5.78
CA CYS B 145 0.03 -9.19 -4.34
C CYS B 145 1.33 -8.40 -4.09
N PRO B 146 1.62 -7.98 -2.84
CA PRO B 146 2.66 -6.97 -2.61
C PRO B 146 4.05 -7.36 -3.12
N SER B 147 4.31 -8.66 -3.21
CA SER B 147 5.60 -9.17 -3.67
C SER B 147 5.67 -9.18 -5.19
N GLY B 148 4.53 -8.93 -5.84
CA GLY B 148 4.53 -8.77 -7.28
C GLY B 148 4.19 -10.06 -8.02
N HIS B 149 3.70 -11.08 -7.31
CA HIS B 149 3.15 -12.24 -7.98
C HIS B 149 1.70 -12.01 -8.41
N VAL B 150 1.27 -12.74 -9.42
CA VAL B 150 -0.02 -12.49 -10.04
C VAL B 150 -1.14 -13.35 -9.46
N VAL B 151 -2.26 -12.74 -9.09
CA VAL B 151 -3.33 -13.52 -8.50
C VAL B 151 -4.50 -13.69 -9.46
N GLY B 152 -4.53 -12.84 -10.49
CA GLY B 152 -5.58 -12.91 -11.48
C GLY B 152 -5.43 -11.82 -12.53
N ILE B 153 -6.34 -11.78 -13.50
CA ILE B 153 -6.36 -10.66 -14.44
C ILE B 153 -7.74 -10.04 -14.50
N PHE B 154 -7.77 -8.73 -14.70
CA PHE B 154 -8.96 -7.89 -14.61
C PHE B 154 -10.00 -8.29 -15.69
N ARG B 155 -11.24 -8.55 -15.29
CA ARG B 155 -12.25 -8.98 -16.27
C ARG B 155 -13.40 -7.99 -16.39
N ALA B 156 -13.89 -7.48 -15.26
CA ALA B 156 -15.07 -6.65 -15.31
C ALA B 156 -15.13 -5.70 -14.09
N ALA B 157 -15.86 -4.61 -14.26
CA ALA B 157 -15.93 -3.57 -13.24
C ALA B 157 -17.30 -3.67 -12.58
N VAL B 158 -17.33 -3.56 -11.25
CA VAL B 158 -18.60 -3.52 -10.54
C VAL B 158 -18.96 -2.04 -10.35
N CYS B 159 -20.04 -1.59 -10.97
CA CYS B 159 -20.26 -0.16 -11.02
C CYS B 159 -21.70 0.33 -10.95
N THR B 160 -21.86 1.55 -10.46
CA THR B 160 -23.17 2.21 -10.47
C THR B 160 -22.98 3.63 -10.96
N ARG B 161 -23.82 4.03 -11.91
CA ARG B 161 -23.83 5.40 -12.40
C ARG B 161 -22.41 5.86 -12.71
N GLY B 162 -21.69 5.01 -13.44
CA GLY B 162 -20.40 5.39 -13.99
C GLY B 162 -19.26 5.30 -12.99
N VAL B 163 -19.53 4.82 -11.78
CA VAL B 163 -18.47 4.73 -10.77
C VAL B 163 -18.25 3.28 -10.39
N ALA B 164 -16.99 2.87 -10.42
CA ALA B 164 -16.63 1.50 -10.09
C ALA B 164 -16.13 1.40 -8.65
N LYS B 165 -16.72 0.49 -7.89
CA LYS B 165 -16.35 0.34 -6.49
C LYS B 165 -15.58 -0.94 -6.25
N ALA B 166 -15.68 -1.87 -7.21
CA ALA B 166 -15.05 -3.17 -7.06
C ALA B 166 -14.68 -3.71 -8.45
N VAL B 167 -13.85 -4.76 -8.47
CA VAL B 167 -13.47 -5.39 -9.73
C VAL B 167 -13.65 -6.91 -9.67
N ASP B 168 -14.07 -7.46 -10.79
CA ASP B 168 -14.17 -8.92 -10.93
C ASP B 168 -12.96 -9.35 -11.78
N PHE B 169 -12.26 -10.40 -11.33
CA PHE B 169 -11.09 -10.86 -12.07
C PHE B 169 -11.09 -12.38 -12.24
N ILE B 170 -10.28 -12.84 -13.19
CA ILE B 170 -10.07 -14.27 -13.44
C ILE B 170 -8.89 -14.73 -12.60
N PRO B 171 -9.15 -15.63 -11.64
CA PRO B 171 -8.09 -16.10 -10.74
C PRO B 171 -7.06 -16.93 -11.51
N VAL B 172 -5.81 -16.89 -11.08
CA VAL B 172 -4.80 -17.72 -11.70
C VAL B 172 -5.20 -19.19 -11.66
N GLU B 173 -6.04 -19.57 -10.69
CA GLU B 173 -6.53 -20.94 -10.61
C GLU B 173 -7.40 -21.30 -11.83
N SER B 174 -8.18 -20.33 -12.29
CA SER B 174 -8.93 -20.50 -13.53
C SER B 174 -8.04 -20.72 -14.74
N MET B 175 -6.80 -20.26 -14.67
CA MET B 175 -5.86 -20.47 -15.78
C MET B 175 -5.34 -21.90 -15.76
N GLU B 176 -5.10 -22.40 -14.56
CA GLU B 176 -4.66 -23.78 -14.38
C GLU B 176 -5.73 -24.72 -14.89
N THR B 177 -6.97 -24.46 -14.51
CA THR B 177 -8.13 -25.24 -14.93
C THR B 177 -8.25 -25.30 -16.46
N THR B 178 -8.11 -24.15 -17.11
CA THR B 178 -8.19 -24.08 -18.57
C THR B 178 -7.04 -24.86 -19.23
N MET B 179 -5.84 -24.71 -18.69
CA MET B 179 -4.68 -25.44 -19.22
C MET B 179 -4.82 -26.94 -19.00
N ARG B 180 -5.42 -27.32 -17.88
CA ARG B 180 -5.62 -28.73 -17.55
C ARG B 180 -6.48 -29.43 -18.60
N ALA B 181 -7.56 -28.77 -19.02
CA ALA B 181 -8.41 -29.27 -20.09
C ALA B 181 -7.76 -29.10 -21.48
N SER B 182 -6.49 -29.47 -21.56
CA SER B 182 -5.72 -29.32 -22.79
C SER B 182 -4.41 -30.12 -22.71
N LYS C 2 5.26 8.60 41.01
CA LYS C 2 5.59 10.06 40.94
C LYS C 2 6.55 10.39 39.81
N GLY C 3 7.15 9.35 39.23
CA GLY C 3 8.12 9.56 38.18
C GLY C 3 7.51 10.12 36.91
N SER C 4 8.20 11.06 36.27
CA SER C 4 7.75 11.66 35.02
C SER C 4 8.17 10.79 33.85
N VAL C 5 7.46 10.92 32.74
CA VAL C 5 7.91 10.36 31.47
C VAL C 5 8.96 11.32 30.93
N VAL C 6 9.99 10.78 30.29
CA VAL C 6 11.16 11.58 29.90
C VAL C 6 11.41 11.41 28.40
N ILE C 7 11.64 12.53 27.70
CA ILE C 7 12.12 12.51 26.30
C ILE C 7 13.61 12.16 26.27
N VAL C 8 13.93 11.05 25.60
CA VAL C 8 15.30 10.55 25.54
C VAL C 8 15.85 10.65 24.11
N GLY C 9 15.05 11.18 23.19
CA GLY C 9 15.41 11.23 21.79
C GLY C 9 14.27 11.81 20.97
N ARG C 10 14.51 12.06 19.69
CA ARG C 10 13.46 12.50 18.79
C ARG C 10 13.69 11.95 17.40
N ILE C 11 12.65 12.02 16.59
CA ILE C 11 12.69 11.53 15.23
C ILE C 11 12.23 12.69 14.33
N ILE C 12 13.02 12.96 13.28
CA ILE C 12 12.77 14.06 12.36
C ILE C 12 12.29 13.49 11.02
N LEU C 13 11.18 14.03 10.53
CA LEU C 13 10.55 13.50 9.33
C LEU C 13 10.79 14.41 8.12
N SER C 14 10.80 13.78 6.94
CA SER C 14 10.87 14.53 5.69
C SER C 14 10.32 13.71 4.52
N LYS D 2 -11.21 -11.24 -37.62
CA LYS D 2 -10.74 -10.19 -38.57
C LYS D 2 -9.22 -10.10 -38.62
N GLY D 3 -8.68 -8.92 -38.38
CA GLY D 3 -7.24 -8.80 -38.31
C GLY D 3 -6.68 -9.52 -37.09
N SER D 4 -5.36 -9.48 -36.95
CA SER D 4 -4.69 -9.97 -35.76
C SER D 4 -4.84 -8.94 -34.64
N VAL D 5 -4.79 -9.42 -33.39
CA VAL D 5 -4.55 -8.51 -32.26
C VAL D 5 -3.10 -7.98 -32.36
N VAL D 6 -2.90 -6.69 -32.04
CA VAL D 6 -1.59 -6.07 -32.20
C VAL D 6 -1.08 -5.48 -30.87
N ILE D 7 0.16 -5.74 -30.54
CA ILE D 7 0.78 -5.08 -29.38
C ILE D 7 1.15 -3.64 -29.79
N VAL D 8 0.54 -2.66 -29.11
CA VAL D 8 0.80 -1.26 -29.42
C VAL D 8 1.60 -0.55 -28.30
N GLY D 9 1.92 -1.29 -27.24
CA GLY D 9 2.73 -0.74 -26.16
C GLY D 9 2.99 -1.78 -25.10
N ARG D 10 3.73 -1.41 -24.06
CA ARG D 10 4.00 -2.32 -22.95
C ARG D 10 4.15 -1.59 -21.65
N ILE D 11 3.88 -2.31 -20.57
CA ILE D 11 3.98 -1.80 -19.21
C ILE D 11 5.08 -2.57 -18.50
N ILE D 12 5.98 -1.81 -17.88
CA ILE D 12 7.13 -2.38 -17.19
C ILE D 12 6.99 -2.14 -15.68
N LEU D 13 7.05 -3.23 -14.94
CA LEU D 13 6.81 -3.22 -13.50
C LEU D 13 8.12 -3.15 -12.73
N SER D 14 8.07 -2.46 -11.59
CA SER D 14 9.22 -2.31 -10.71
C SER D 14 8.84 -2.79 -9.31
NA NA E . 15.21 6.34 8.56
C25 L4T F . -2.64 -7.24 20.93
O26 L4T F . -3.19 -7.01 22.00
O27 L4T F . -3.31 -7.52 19.78
C28 L4T F . -4.01 -6.48 19.16
C29 L4T F . -5.36 -6.17 19.75
C30 L4T F . -5.95 -5.28 18.65
C31 L4T F . -5.32 -5.79 17.36
C32 L4T F . -4.45 -6.95 17.78
N24 L4T F . -1.31 -7.29 20.73
C19 L4T F . -0.40 -7.07 21.81
C20 L4T F . 0.88 -7.98 21.75
C21 L4T F . 1.78 -7.70 22.99
C22 L4T F . 1.71 -7.78 20.47
C23 L4T F . 0.44 -9.45 21.79
C17 L4T F . -0.08 -5.55 21.82
O18 L4T F . 0.43 -5.01 20.84
C10 L4T F . 1.42 -3.16 22.76
O11 L4T F . 2.29 -3.92 23.22
C12 L4T F . -0.07 -3.38 23.02
C13 L4T F . -0.39 -3.00 24.48
C14 L4T F . -1.48 -4.01 24.85
C15 L4T F . -0.91 -5.27 24.26
N16 L4T F . -0.37 -4.81 22.97
O33 L4T F . -2.67 -3.76 24.07
C34 L4T F . -3.62 -2.84 24.47
C35 L4T F . -3.51 -2.20 25.81
C36 L4T F . -4.47 -1.30 26.18
N37 L4T F . -5.50 -1.00 25.30
C38 L4T F . -5.70 -1.55 24.05
C39 L4T F . -4.67 -2.54 23.63
C40 L4T F . -4.81 -3.20 22.28
C41 L4T F . -6.01 -2.78 21.49
C42 L4T F . -6.93 -1.85 21.92
C43 L4T F . -6.75 -1.22 23.24
BR44 L4T F . -8.01 0.09 23.84
O45 L4T F . -8.06 -1.41 21.22
C46 L4T F . -8.34 -1.97 19.92
C47 L4T F . -4.47 -0.66 27.44
C48 L4T F . -5.39 0.30 27.84
S49 L4T F . -5.04 0.77 29.45
C50 L4T F . -3.71 -0.32 29.48
N51 L4T F . -3.53 -1.02 28.38
N52 L4T F . -2.88 -0.53 30.57
C53 L4T F . -3.15 -0.15 31.87
O54 L4T F . -4.20 0.46 32.18
C55 L4T F . -2.04 -0.56 32.85
C56 L4T F . -2.36 -1.91 33.50
C57 L4T F . -1.79 0.49 33.93
N9 L4T F . 1.69 -2.08 21.95
C4 L4T F . 2.96 -1.94 21.26
C6 L4T F . 3.18 -2.86 20.02
C5 L4T F . 2.93 -1.39 19.82
C7 L4T F . 4.47 -3.47 19.69
C8 L4T F . 4.66 -4.79 19.50
C2 L4T F . 4.11 -1.43 22.16
O3 L4T F . 5.25 -1.25 21.66
O1 L4T F . 3.85 -1.19 23.41
NA NA G . 3.01 4.50 -13.06
C25 L4T H . -20.13 -6.10 -15.46
O26 L4T H . -20.60 -6.88 -16.29
O27 L4T H . -20.10 -6.31 -14.10
C28 L4T H . -20.67 -7.56 -13.62
C29 L4T H . -21.36 -7.40 -12.26
C30 L4T H . -20.28 -7.71 -11.21
C31 L4T H . -19.03 -8.06 -12.00
C32 L4T H . -19.58 -8.56 -13.31
N24 L4T H . -19.54 -4.93 -15.75
C19 L4T H . -19.39 -4.47 -17.12
C20 L4T H . -19.62 -2.93 -17.34
C21 L4T H . -19.38 -2.56 -18.83
C22 L4T H . -18.70 -2.04 -16.48
C23 L4T H . -21.08 -2.59 -17.04
C17 L4T H . -17.98 -4.96 -17.52
O18 L4T H . -17.00 -4.63 -16.86
C10 L4T H . -15.60 -5.08 -19.38
O11 L4T H . -15.97 -4.07 -19.98
C12 L4T H . -16.54 -6.25 -19.09
C13 L4T H . -16.83 -7.01 -20.40
C14 L4T H . -18.30 -7.48 -20.17
C15 L4T H . -18.90 -6.24 -19.58
N16 L4T H . -17.85 -5.77 -18.66
O33 L4T H . -18.37 -8.46 -19.09
C34 L4T H . -18.15 -9.82 -19.32
C35 L4T H . -18.04 -10.31 -20.69
C36 L4T H . -17.79 -11.66 -20.89
N37 L4T H . -17.69 -12.49 -19.79
C38 L4T H . -17.81 -12.13 -18.47
C39 L4T H . -18.06 -10.66 -18.24
C40 L4T H . -18.21 -10.16 -16.83
C41 L4T H . -18.12 -11.19 -15.78
C42 L4T H . -17.90 -12.52 -16.04
C43 L4T H . -17.72 -13.00 -17.44
BR44 L4T H . -17.42 -14.86 -17.76
O45 L4T H . -17.81 -13.52 -15.08
C46 L4T H . -17.96 -13.15 -13.68
C47 L4T H . -17.70 -12.23 -22.18
C48 L4T H . -17.50 -13.58 -22.41
S49 L4T H . -17.48 -13.87 -24.10
C50 L4T H . -17.73 -12.20 -24.39
N51 L4T H . -17.83 -11.44 -23.30
N52 L4T H . -17.84 -11.66 -25.66
C53 L4T H . -18.06 -12.37 -26.82
O54 L4T H . -18.18 -13.58 -26.81
C55 L4T H . -18.11 -11.50 -28.11
C56 L4T H . -19.41 -11.64 -28.86
C57 L4T H . -16.91 -11.78 -29.06
N9 L4T H . -14.33 -5.27 -18.89
C4 L4T H . -13.44 -4.15 -18.69
C6 L4T H . -13.74 -3.22 -17.47
C5 L4T H . -12.56 -4.17 -17.40
C7 L4T H . -13.53 -1.76 -17.49
C8 L4T H . -14.51 -0.86 -17.33
C2 L4T H . -12.82 -3.64 -20.00
O3 L4T H . -12.01 -2.65 -20.01
O1 L4T H . -13.11 -4.27 -21.10
#